data_3BVJ
#
_entry.id   3BVJ
#
_cell.length_a   69.857
_cell.length_b   61.976
_cell.length_c   70.514
_cell.angle_alpha   90.00
_cell.angle_beta   112.96
_cell.angle_gamma   90.00
#
_symmetry.space_group_name_H-M   'P 1 21 1'
#
loop_
_entity.id
_entity.type
_entity.pdbx_description
1 polymer "Uridine 5'-monophosphate synthase"
2 non-polymer 'SULFATE ION'
3 non-polymer "XANTHOSINE-5'-MONOPHOSPHATE"
4 non-polymer GLYCEROL
5 water water
#
_entity_poly.entity_id   1
_entity_poly.type   'polypeptide(L)'
_entity_poly.pdbx_seq_one_letter_code
;MGSSHHHHHHSSGLVPRGSHMDAETVGRVKRFIQENVFVAANHNGSPLSIKEAPKELSFGARAELPRIHPVASKLLRLMQ
KKETNLCLSADVSLARELLQLADALGPSICMLKTHVDILNDFTLDVMKELITLAKCHEFLIFEDRKFADIGNTVKKQYEG
GIFKIASWADLVNAHVVPGSGVVKGLQEVGLPLHRGCLLIAEMSSTGSLATGDYTRAAVRMAEEHSEFVVGFISGSRVSM
KPEFLHLTPGVQLEAGGDNLGQQYNSPQEVIGKRGSDIIIVGRGIISAADRLEAAEMYRKAAWEAYLSRLGV
;
_entity_poly.pdbx_strand_id   A,B
#
loop_
_chem_comp.id
_chem_comp.type
_chem_comp.name
_chem_comp.formula
GOL non-polymer GLYCEROL 'C3 H8 O3'
SO4 non-polymer 'SULFATE ION' 'O4 S -2'
XMP non-polymer XANTHOSINE-5'-MONOPHOSPHATE 'C10 H14 N4 O9 P 1'
#
# COMPACT_ATOMS: atom_id res chain seq x y z
N LYS A 55 -27.67 17.03 -19.12
CA LYS A 55 -26.64 17.98 -19.67
C LYS A 55 -25.49 18.17 -18.68
N GLU A 56 -24.30 17.67 -19.06
CA GLU A 56 -23.14 17.67 -18.17
C GLU A 56 -22.65 19.06 -17.76
N LEU A 57 -22.33 19.20 -16.48
CA LEU A 57 -21.77 20.44 -15.96
C LEU A 57 -20.28 20.53 -16.30
N SER A 58 -19.85 21.73 -16.72
CA SER A 58 -18.43 22.03 -16.86
C SER A 58 -17.73 21.80 -15.52
N PHE A 59 -16.40 21.65 -15.55
CA PHE A 59 -15.58 21.69 -14.33
C PHE A 59 -15.88 22.91 -13.44
N GLY A 60 -15.96 24.10 -14.05
CA GLY A 60 -16.24 25.35 -13.31
C GLY A 60 -17.56 25.35 -12.57
N ALA A 61 -18.59 24.77 -13.19
CA ALA A 61 -19.90 24.61 -12.55
C ALA A 61 -19.82 23.56 -11.43
N ARG A 62 -19.16 22.44 -11.69
CA ARG A 62 -18.96 21.41 -10.66
C ARG A 62 -18.25 21.93 -9.40
N ALA A 63 -17.40 22.94 -9.57
CA ALA A 63 -16.60 23.51 -8.48
C ALA A 63 -17.54 24.25 -7.51
N GLU A 64 -18.74 24.57 -8.01
CA GLU A 64 -19.72 25.31 -7.20
C GLU A 64 -20.85 24.45 -6.62
N LEU A 65 -20.82 23.15 -6.92
CA LEU A 65 -21.84 22.19 -6.45
C LEU A 65 -22.05 22.27 -4.93
N PRO A 66 -23.32 22.22 -4.44
CA PRO A 66 -23.54 22.35 -2.99
C PRO A 66 -22.71 21.37 -2.12
N ARG A 67 -22.64 20.12 -2.55
CA ARG A 67 -21.92 19.07 -1.81
C ARG A 67 -20.46 18.86 -2.22
N ILE A 68 -19.89 19.80 -2.97
CA ILE A 68 -18.48 19.74 -3.38
C ILE A 68 -17.49 19.85 -2.20
N HIS A 69 -16.48 19.01 -2.23
CA HIS A 69 -15.41 19.09 -1.25
C HIS A 69 -14.52 20.30 -1.59
N PRO A 70 -14.05 21.05 -0.58
CA PRO A 70 -13.22 22.23 -0.85
C PRO A 70 -11.99 21.94 -1.74
N VAL A 71 -11.39 20.78 -1.55
CA VAL A 71 -10.20 20.41 -2.34
C VAL A 71 -10.56 20.14 -3.79
N ALA A 72 -11.68 19.45 -4.01
CA ALA A 72 -12.23 19.18 -5.33
C ALA A 72 -12.59 20.50 -6.02
N SER A 73 -13.18 21.42 -5.26
CA SER A 73 -13.55 22.73 -5.78
C SER A 73 -12.35 23.52 -6.28
N LYS A 74 -11.30 23.57 -5.47
CA LYS A 74 -10.06 24.25 -5.82
C LYS A 74 -9.49 23.63 -7.08
N LEU A 75 -9.48 22.30 -7.15
CA LEU A 75 -8.97 21.58 -8.31
C LEU A 75 -9.77 21.90 -9.58
N LEU A 76 -11.10 21.78 -9.48
CA LEU A 76 -12.00 22.00 -10.60
C LEU A 76 -11.89 23.42 -11.14
N ARG A 77 -11.73 24.41 -10.25
N ARG A 77 -11.77 24.39 -10.23
CA ARG A 77 -11.58 25.79 -10.66
CA ARG A 77 -11.53 25.79 -10.58
C ARG A 77 -10.26 26.09 -11.41
C ARG A 77 -10.30 25.93 -11.49
N LEU A 78 -9.14 25.50 -10.98
CA LEU A 78 -7.90 25.66 -11.73
C LEU A 78 -7.88 24.86 -13.04
N MET A 79 -8.60 23.75 -13.09
CA MET A 79 -8.74 22.96 -14.33
C MET A 79 -9.43 23.82 -15.38
N GLN A 80 -10.57 24.41 -14.99
CA GLN A 80 -11.29 25.39 -15.80
C GLN A 80 -10.43 26.59 -16.25
N LYS A 81 -9.81 27.25 -15.28
CA LYS A 81 -8.94 28.41 -15.52
C LYS A 81 -7.81 28.16 -16.52
N LYS A 82 -7.08 27.06 -16.32
CA LYS A 82 -5.88 26.77 -17.09
C LYS A 82 -6.10 25.89 -18.33
N GLU A 83 -7.32 25.38 -18.49
CA GLU A 83 -7.70 24.47 -19.57
C GLU A 83 -6.82 23.22 -19.54
N THR A 84 -6.75 22.61 -18.37
CA THR A 84 -6.00 21.37 -18.25
C THR A 84 -6.75 20.40 -17.36
N ASN A 85 -6.83 19.18 -17.84
CA ASN A 85 -7.26 18.03 -17.04
C ASN A 85 -6.23 16.89 -17.10
N LEU A 86 -4.97 17.31 -17.13
CA LEU A 86 -3.81 16.43 -17.13
C LEU A 86 -3.16 16.41 -15.74
N CYS A 87 -3.01 15.19 -15.20
CA CYS A 87 -2.21 14.94 -14.01
C CYS A 87 -0.86 14.31 -14.40
N LEU A 88 0.24 15.01 -14.13
CA LEU A 88 1.56 14.45 -14.46
C LEU A 88 1.99 13.42 -13.41
N SER A 89 2.23 12.18 -13.84
CA SER A 89 2.78 11.20 -12.93
C SER A 89 4.29 11.31 -12.98
N ALA A 90 4.84 11.99 -11.98
CA ALA A 90 6.25 12.37 -11.99
C ALA A 90 7.12 11.23 -11.45
N ASP A 91 7.18 10.15 -12.23
CA ASP A 91 7.88 8.92 -11.84
C ASP A 91 9.37 9.05 -12.16
N VAL A 92 10.06 9.73 -11.24
CA VAL A 92 11.50 9.97 -11.27
C VAL A 92 12.09 9.69 -9.91
N SER A 93 13.38 9.39 -9.88
CA SER A 93 14.02 9.04 -8.62
C SER A 93 14.91 10.16 -8.07
N LEU A 94 15.11 11.23 -8.81
CA LEU A 94 15.93 12.37 -8.36
C LEU A 94 15.11 13.63 -8.09
N ALA A 95 15.32 14.24 -6.93
CA ALA A 95 14.63 15.49 -6.59
C ALA A 95 14.84 16.58 -7.65
N ARG A 96 16.06 16.76 -8.16
CA ARG A 96 16.28 17.82 -9.16
C ARG A 96 15.40 17.64 -10.39
N GLU A 97 15.20 16.41 -10.86
CA GLU A 97 14.41 16.17 -12.06
C GLU A 97 12.92 16.39 -11.73
N LEU A 98 12.49 15.89 -10.56
CA LEU A 98 11.16 16.18 -10.02
C LEU A 98 10.86 17.69 -10.06
N LEU A 99 11.73 18.49 -9.45
CA LEU A 99 11.48 19.93 -9.37
C LEU A 99 11.57 20.64 -10.72
N GLN A 100 12.46 20.15 -11.60
CA GLN A 100 12.55 20.74 -12.94
C GLN A 100 11.29 20.42 -13.78
N LEU A 101 10.75 19.21 -13.63
CA LEU A 101 9.51 18.87 -14.31
C LEU A 101 8.32 19.69 -13.79
N ALA A 102 8.21 19.80 -12.47
CA ALA A 102 7.09 20.52 -11.84
C ALA A 102 7.10 21.99 -12.28
N ASP A 103 8.29 22.58 -12.33
CA ASP A 103 8.44 23.97 -12.80
C ASP A 103 8.08 24.11 -14.27
N ALA A 104 8.73 23.34 -15.15
CA ALA A 104 8.47 23.48 -16.59
C ALA A 104 7.05 23.05 -17.01
N LEU A 105 6.52 22.01 -16.39
CA LEU A 105 5.22 21.48 -16.83
C LEU A 105 4.06 22.03 -16.02
N GLY A 106 4.39 22.71 -14.91
CA GLY A 106 3.36 23.24 -13.99
C GLY A 106 2.19 23.96 -14.68
N PRO A 107 2.50 24.88 -15.60
CA PRO A 107 1.43 25.54 -16.37
C PRO A 107 0.51 24.63 -17.19
N SER A 108 0.98 23.45 -17.60
CA SER A 108 0.20 22.53 -18.43
C SER A 108 -0.64 21.48 -17.67
N ILE A 109 -0.53 21.48 -16.35
CA ILE A 109 -1.09 20.41 -15.52
C ILE A 109 -2.01 20.96 -14.43
N CYS A 110 -3.01 20.15 -14.07
CA CYS A 110 -3.88 20.47 -12.92
C CYS A 110 -3.41 19.77 -11.63
N MET A 111 -2.52 18.81 -11.77
CA MET A 111 -2.07 18.01 -10.64
C MET A 111 -0.72 17.34 -10.96
N LEU A 112 0.12 17.21 -9.94
CA LEU A 112 1.40 16.53 -10.03
C LEU A 112 1.34 15.39 -9.03
N LYS A 113 1.40 14.18 -9.56
CA LYS A 113 1.35 12.97 -8.75
C LYS A 113 2.75 12.48 -8.47
N THR A 114 3.02 12.21 -7.19
CA THR A 114 4.34 11.78 -6.70
C THR A 114 4.30 10.34 -6.15
N HIS A 115 5.45 9.67 -6.22
CA HIS A 115 5.74 8.50 -5.39
C HIS A 115 6.95 8.91 -4.56
N VAL A 116 6.70 9.53 -3.42
CA VAL A 116 7.77 10.02 -2.56
C VAL A 116 8.71 8.87 -2.14
N ASP A 117 8.21 7.64 -2.09
CA ASP A 117 9.02 6.51 -1.60
C ASP A 117 10.01 5.96 -2.61
N ILE A 118 10.11 6.61 -3.75
CA ILE A 118 10.98 6.27 -4.88
C ILE A 118 12.06 7.37 -5.09
N LEU A 119 11.87 8.50 -4.41
CA LEU A 119 12.86 9.57 -4.46
C LEU A 119 14.10 9.18 -3.68
N ASN A 120 15.21 9.04 -4.40
CA ASN A 120 16.46 8.69 -3.75
C ASN A 120 16.96 9.74 -2.78
N ASP A 121 16.70 11.01 -3.05
CA ASP A 121 17.17 12.09 -2.19
C ASP A 121 16.00 12.90 -1.60
N PHE A 122 14.91 12.22 -1.24
CA PHE A 122 13.85 12.87 -0.48
C PHE A 122 14.37 13.65 0.74
N THR A 123 13.92 14.90 0.88
CA THR A 123 13.93 15.59 2.17
C THR A 123 12.62 16.38 2.24
N LEU A 124 12.24 16.82 3.43
CA LEU A 124 11.08 17.70 3.54
C LEU A 124 11.26 19.04 2.80
N ASP A 125 12.51 19.45 2.65
N ASP A 125 12.52 19.44 2.65
CA ASP A 125 12.85 20.67 1.90
CA ASP A 125 12.88 20.64 1.90
C ASP A 125 12.53 20.55 0.41
C ASP A 125 12.52 20.54 0.43
N VAL A 126 12.70 19.35 -0.16
CA VAL A 126 12.26 19.09 -1.53
C VAL A 126 10.75 19.34 -1.65
N MET A 127 10.01 18.82 -0.68
CA MET A 127 8.56 19.02 -0.64
C MET A 127 8.19 20.50 -0.51
N LYS A 128 8.93 21.24 0.31
CA LYS A 128 8.75 22.69 0.42
C LYS A 128 8.88 23.38 -0.91
N GLU A 129 9.94 23.03 -1.64
CA GLU A 129 10.20 23.57 -2.97
C GLU A 129 9.11 23.15 -3.96
N LEU A 130 8.63 21.91 -3.85
CA LEU A 130 7.52 21.46 -4.69
C LEU A 130 6.23 22.26 -4.36
N ILE A 131 5.95 22.47 -3.08
CA ILE A 131 4.77 23.27 -2.70
C ILE A 131 4.83 24.67 -3.35
N THR A 132 6.01 25.27 -3.33
CA THR A 132 6.22 26.59 -3.94
C THR A 132 5.82 26.62 -5.41
N LEU A 133 6.27 25.60 -6.14
CA LEU A 133 5.98 25.46 -7.57
C LEU A 133 4.49 25.20 -7.79
N ALA A 134 3.93 24.34 -6.95
CA ALA A 134 2.49 24.06 -6.89
C ALA A 134 1.66 25.34 -6.74
N LYS A 135 2.03 26.20 -5.79
CA LYS A 135 1.34 27.49 -5.59
C LYS A 135 1.62 28.46 -6.76
N CYS A 136 2.87 28.50 -7.24
CA CYS A 136 3.25 29.41 -8.33
C CYS A 136 2.47 29.10 -9.61
N HIS A 137 2.49 27.83 -9.98
CA HIS A 137 1.86 27.39 -11.24
C HIS A 137 0.41 26.91 -11.12
N GLU A 138 -0.10 26.81 -9.90
CA GLU A 138 -1.47 26.36 -9.63
C GLU A 138 -1.78 24.91 -10.05
N PHE A 139 -1.20 23.95 -9.32
CA PHE A 139 -1.66 22.57 -9.41
C PHE A 139 -1.71 21.98 -8.00
N LEU A 140 -2.40 20.86 -7.86
CA LEU A 140 -2.44 20.16 -6.59
C LEU A 140 -1.36 19.08 -6.60
N ILE A 141 -0.90 18.74 -5.41
CA ILE A 141 0.09 17.69 -5.22
C ILE A 141 -0.68 16.45 -4.72
N PHE A 142 -0.51 15.33 -5.43
CA PHE A 142 -1.18 14.07 -5.10
C PHE A 142 -0.09 13.03 -4.82
N GLU A 143 0.06 12.64 -3.57
CA GLU A 143 0.94 11.49 -3.22
C GLU A 143 0.23 10.15 -3.42
N ASP A 144 0.75 9.37 -4.37
CA ASP A 144 0.13 8.12 -4.78
C ASP A 144 0.61 6.97 -3.87
N ARG A 145 0.19 7.05 -2.62
CA ARG A 145 0.70 6.17 -1.58
C ARG A 145 -0.08 4.84 -1.49
N LYS A 146 -1.30 4.81 -2.03
CA LYS A 146 -2.11 3.60 -2.05
C LYS A 146 -2.15 3.02 -0.62
N PHE A 147 -2.62 3.84 0.31
CA PHE A 147 -2.79 3.34 1.68
C PHE A 147 -3.74 2.14 1.63
N ALA A 148 -3.40 1.14 2.41
CA ALA A 148 -4.01 -0.17 2.28
C ALA A 148 -3.87 -1.03 3.53
N ASP A 149 -3.75 -0.38 4.69
CA ASP A 149 -3.65 -1.12 5.96
C ASP A 149 -4.93 -0.87 6.77
N ILE A 150 -4.94 -1.36 8.01
CA ILE A 150 -6.05 -1.09 8.92
C ILE A 150 -6.00 0.38 9.31
N GLY A 151 -7.12 0.95 9.74
CA GLY A 151 -7.15 2.37 10.12
C GLY A 151 -6.10 2.85 11.10
N ASN A 152 -5.88 2.08 12.15
CA ASN A 152 -4.86 2.44 13.14
C ASN A 152 -3.46 2.67 12.54
N THR A 153 -3.11 1.87 11.54
CA THR A 153 -1.80 1.93 10.95
C THR A 153 -1.70 3.07 9.93
N VAL A 154 -2.69 3.16 9.04
CA VAL A 154 -2.66 4.17 7.96
C VAL A 154 -2.61 5.59 8.51
N LYS A 155 -3.21 5.87 9.65
N LYS A 155 -3.32 5.87 9.60
CA LYS A 155 -3.09 7.22 10.21
CA LYS A 155 -3.32 7.22 10.18
C LYS A 155 -1.64 7.59 10.57
C LYS A 155 -1.88 7.65 10.44
N LYS A 156 -0.88 6.62 11.09
N LYS A 156 -1.08 6.72 10.95
CA LYS A 156 0.54 6.81 11.36
CA LYS A 156 0.32 6.99 11.26
C LYS A 156 1.37 6.97 10.07
C LYS A 156 1.19 7.11 9.99
N GLN A 157 1.01 6.20 9.05
CA GLN A 157 1.74 6.23 7.78
C GLN A 157 1.50 7.54 7.04
N TYR A 158 0.32 8.12 7.28
CA TYR A 158 -0.08 9.38 6.62
C TYR A 158 0.48 10.61 7.32
N GLU A 159 0.36 10.63 8.63
CA GLU A 159 0.84 11.75 9.43
C GLU A 159 2.35 11.79 9.65
N GLY A 160 2.92 10.61 9.92
CA GLY A 160 4.24 10.53 10.55
C GLY A 160 5.32 9.93 9.67
N GLY A 161 6.24 9.22 10.33
CA GLY A 161 7.44 8.69 9.66
C GLY A 161 8.33 9.78 9.10
N ILE A 162 9.19 9.40 8.16
N ILE A 162 9.18 9.42 8.15
CA ILE A 162 10.09 10.38 7.55
CA ILE A 162 10.08 10.43 7.59
C ILE A 162 9.32 11.30 6.59
C ILE A 162 9.38 11.28 6.52
N PHE A 163 8.37 10.73 5.85
CA PHE A 163 7.70 11.43 4.76
C PHE A 163 6.74 12.57 5.17
N LYS A 164 6.15 12.45 6.35
CA LYS A 164 5.06 13.34 6.78
C LYS A 164 4.16 13.74 5.61
N ILE A 165 3.49 12.76 4.99
CA ILE A 165 2.79 12.96 3.73
C ILE A 165 1.70 14.02 3.88
N ALA A 166 0.97 13.96 5.00
CA ALA A 166 -0.18 14.85 5.20
C ALA A 166 0.21 16.33 5.22
N SER A 167 1.46 16.61 5.59
CA SER A 167 1.97 17.98 5.68
C SER A 167 2.14 18.68 4.34
N TRP A 168 2.31 17.92 3.26
CA TRP A 168 2.50 18.50 1.92
C TRP A 168 1.57 18.00 0.79
N ALA A 169 0.91 16.87 0.99
CA ALA A 169 0.03 16.29 -0.03
C ALA A 169 -1.41 16.81 0.07
N ASP A 170 -1.85 17.56 -0.95
CA ASP A 170 -3.26 17.94 -1.07
C ASP A 170 -4.14 16.69 -1.11
N LEU A 171 -3.70 15.71 -1.89
CA LEU A 171 -4.51 14.51 -2.13
C LEU A 171 -3.65 13.28 -1.87
N VAL A 172 -4.28 12.22 -1.37
CA VAL A 172 -3.61 10.91 -1.31
C VAL A 172 -4.67 9.92 -1.79
N ASN A 173 -4.28 8.66 -1.99
CA ASN A 173 -5.26 7.64 -2.36
C ASN A 173 -5.21 6.39 -1.49
N ALA A 174 -6.25 5.55 -1.57
CA ALA A 174 -6.38 4.34 -0.74
C ALA A 174 -7.06 3.23 -1.50
N HIS A 175 -6.64 2.02 -1.20
CA HIS A 175 -7.32 0.82 -1.62
C HIS A 175 -8.45 0.56 -0.64
N VAL A 176 -9.53 -0.04 -1.13
CA VAL A 176 -10.73 -0.25 -0.32
C VAL A 176 -10.83 -1.67 0.29
N VAL A 177 -9.94 -2.57 -0.15
CA VAL A 177 -9.80 -3.91 0.42
C VAL A 177 -9.88 -4.02 1.97
N PRO A 178 -9.28 -3.08 2.74
CA PRO A 178 -9.37 -3.26 4.20
C PRO A 178 -10.75 -3.01 4.81
N GLY A 179 -11.71 -2.52 4.03
CA GLY A 179 -12.93 -1.95 4.61
C GLY A 179 -12.77 -0.48 4.92
N SER A 180 -13.85 0.16 5.38
CA SER A 180 -13.93 1.61 5.50
C SER A 180 -13.03 2.18 6.61
N GLY A 181 -12.52 1.29 7.45
CA GLY A 181 -11.50 1.64 8.42
C GLY A 181 -10.30 2.36 7.82
N VAL A 182 -9.91 2.02 6.59
CA VAL A 182 -8.74 2.67 5.98
C VAL A 182 -9.09 4.14 5.75
N VAL A 183 -10.32 4.42 5.32
CA VAL A 183 -10.80 5.81 5.19
C VAL A 183 -10.93 6.55 6.53
N LYS A 184 -11.56 5.89 7.51
CA LYS A 184 -11.70 6.45 8.87
C LYS A 184 -10.34 6.80 9.47
N GLY A 185 -9.36 5.91 9.29
CA GLY A 185 -8.00 6.19 9.75
C GLY A 185 -7.39 7.42 9.10
N LEU A 186 -7.44 7.49 7.78
CA LEU A 186 -6.77 8.58 7.06
C LEU A 186 -7.44 9.90 7.41
N GLN A 187 -8.76 9.86 7.54
CA GLN A 187 -9.51 11.11 7.72
C GLN A 187 -9.30 11.74 9.10
N GLU A 188 -8.94 10.95 10.10
CA GLU A 188 -8.59 11.46 11.43
C GLU A 188 -7.45 12.46 11.32
N VAL A 189 -6.55 12.21 10.37
CA VAL A 189 -5.42 13.10 10.09
C VAL A 189 -5.78 14.13 9.01
N GLY A 190 -6.47 13.65 7.97
CA GLY A 190 -6.72 14.45 6.77
C GLY A 190 -7.73 15.57 6.94
N LEU A 191 -8.84 15.27 7.60
CA LEU A 191 -9.88 16.30 7.82
C LEU A 191 -9.37 17.56 8.51
N PRO A 192 -8.69 17.44 9.67
CA PRO A 192 -8.18 18.64 10.33
C PRO A 192 -7.21 19.43 9.45
N LEU A 193 -6.56 18.77 8.50
CA LEU A 193 -5.63 19.44 7.61
C LEU A 193 -6.24 19.86 6.26
N HIS A 194 -7.57 19.75 6.15
N HIS A 194 -7.56 19.70 6.11
CA HIS A 194 -8.29 20.10 4.92
CA HIS A 194 -8.27 20.17 4.90
C HIS A 194 -7.61 19.44 3.72
C HIS A 194 -7.95 19.36 3.65
N ARG A 195 -7.48 18.12 3.81
CA ARG A 195 -7.03 17.27 2.71
C ARG A 195 -8.14 16.45 2.08
N GLY A 196 -7.85 15.82 0.94
CA GLY A 196 -8.82 14.93 0.31
C GLY A 196 -8.18 13.60 0.00
N CYS A 197 -9.03 12.61 -0.25
CA CYS A 197 -8.62 11.24 -0.54
C CYS A 197 -9.32 10.74 -1.80
N LEU A 198 -8.60 9.99 -2.63
CA LEU A 198 -9.21 9.29 -3.75
C LEU A 198 -9.23 7.80 -3.45
N LEU A 199 -10.33 7.12 -3.73
CA LEU A 199 -10.42 5.67 -3.53
C LEU A 199 -10.14 4.91 -4.81
N ILE A 200 -9.34 3.85 -4.73
CA ILE A 200 -9.01 3.08 -5.95
C ILE A 200 -10.15 2.10 -6.29
N ALA A 201 -10.99 2.47 -7.27
CA ALA A 201 -12.18 1.66 -7.60
C ALA A 201 -11.93 0.60 -8.65
N GLU A 202 -10.97 0.88 -9.53
CA GLU A 202 -10.58 -0.01 -10.61
C GLU A 202 -9.08 0.18 -10.78
N MET A 203 -8.42 -0.81 -11.37
CA MET A 203 -7.02 -0.70 -11.73
C MET A 203 -6.78 -1.06 -13.19
N SER A 204 -5.69 -0.52 -13.74
CA SER A 204 -5.46 -0.57 -15.18
C SER A 204 -4.72 -1.83 -15.59
N SER A 205 -4.24 -2.56 -14.58
CA SER A 205 -3.32 -3.68 -14.81
C SER A 205 -4.03 -5.00 -15.10
N THR A 206 -3.34 -5.85 -15.88
CA THR A 206 -3.85 -7.18 -16.21
C THR A 206 -4.11 -7.99 -14.93
N GLY A 207 -5.31 -8.56 -14.85
CA GLY A 207 -5.70 -9.41 -13.74
C GLY A 207 -6.13 -8.65 -12.50
N SER A 208 -6.34 -7.33 -12.63
CA SER A 208 -6.91 -6.54 -11.53
C SER A 208 -8.16 -7.23 -11.00
N LEU A 209 -8.25 -7.31 -9.68
CA LEU A 209 -9.41 -7.80 -8.95
C LEU A 209 -10.34 -6.66 -8.48
N ALA A 210 -10.06 -5.42 -8.88
CA ALA A 210 -10.94 -4.28 -8.57
C ALA A 210 -12.05 -4.19 -9.63
N THR A 211 -12.96 -5.16 -9.56
CA THR A 211 -14.04 -5.31 -10.53
C THR A 211 -15.35 -5.62 -9.81
N GLY A 212 -16.47 -5.46 -10.53
CA GLY A 212 -17.79 -5.90 -10.05
C GLY A 212 -18.09 -5.39 -8.66
N ASP A 213 -18.33 -6.30 -7.72
CA ASP A 213 -18.71 -5.95 -6.34
C ASP A 213 -17.66 -5.14 -5.58
N TYR A 214 -16.40 -5.37 -5.91
CA TYR A 214 -15.27 -4.67 -5.32
C TYR A 214 -15.39 -3.19 -5.70
N THR A 215 -15.56 -2.92 -6.99
CA THR A 215 -15.77 -1.56 -7.48
C THR A 215 -17.00 -0.89 -6.85
N ARG A 216 -18.11 -1.62 -6.78
CA ARG A 216 -19.34 -1.07 -6.20
C ARG A 216 -19.13 -0.75 -4.73
N ALA A 217 -18.42 -1.63 -4.02
CA ALA A 217 -17.99 -1.31 -2.66
C ALA A 217 -17.17 0.00 -2.49
N ALA A 218 -16.24 0.27 -3.42
CA ALA A 218 -15.43 1.49 -3.41
C ALA A 218 -16.34 2.72 -3.52
N VAL A 219 -17.30 2.64 -4.45
CA VAL A 219 -18.26 3.72 -4.70
C VAL A 219 -19.12 4.01 -3.46
N ARG A 220 -19.66 2.96 -2.84
CA ARG A 220 -20.46 3.12 -1.63
C ARG A 220 -19.61 3.80 -0.54
N MET A 221 -18.39 3.32 -0.36
CA MET A 221 -17.46 3.83 0.64
C MET A 221 -17.13 5.32 0.45
N ALA A 222 -16.91 5.73 -0.80
CA ALA A 222 -16.78 7.16 -1.14
C ALA A 222 -18.03 7.98 -0.77
N GLU A 223 -19.21 7.53 -1.17
CA GLU A 223 -20.45 8.28 -0.92
C GLU A 223 -20.66 8.52 0.56
N GLU A 224 -20.30 7.51 1.34
CA GLU A 224 -20.53 7.48 2.79
C GLU A 224 -19.44 8.22 3.56
N HIS A 225 -18.37 8.62 2.87
CA HIS A 225 -17.30 9.43 3.48
C HIS A 225 -16.94 10.66 2.65
N SER A 226 -17.98 11.33 2.16
CA SER A 226 -17.83 12.48 1.26
C SER A 226 -17.16 13.72 1.88
N GLU A 227 -17.09 13.78 3.22
CA GLU A 227 -16.37 14.84 3.93
C GLU A 227 -14.87 14.79 3.63
N PHE A 228 -14.39 13.63 3.20
CA PHE A 228 -12.95 13.43 2.99
C PHE A 228 -12.60 12.87 1.61
N VAL A 229 -13.44 11.98 1.13
CA VAL A 229 -13.24 11.32 -0.17
C VAL A 229 -13.80 12.21 -1.26
N VAL A 230 -12.91 12.61 -2.17
CA VAL A 230 -13.27 13.57 -3.23
C VAL A 230 -13.44 12.88 -4.58
N GLY A 231 -13.21 11.57 -4.65
CA GLY A 231 -13.21 10.90 -5.94
C GLY A 231 -12.51 9.57 -6.04
N PHE A 232 -12.19 9.18 -7.28
CA PHE A 232 -11.75 7.81 -7.57
C PHE A 232 -10.52 7.81 -8.47
N ILE A 233 -9.70 6.79 -8.25
CA ILE A 233 -8.86 6.28 -9.34
C ILE A 233 -9.67 5.18 -10.00
N SER A 234 -9.89 5.27 -11.32
CA SER A 234 -10.69 4.27 -12.04
C SER A 234 -10.40 4.38 -13.53
N GLY A 235 -10.89 3.40 -14.29
CA GLY A 235 -10.71 3.41 -15.74
C GLY A 235 -11.83 4.09 -16.49
N SER A 236 -12.95 4.31 -15.79
N SER A 236 -12.93 4.32 -15.79
CA SER A 236 -14.17 4.85 -16.37
CA SER A 236 -14.14 4.90 -16.40
C SER A 236 -14.98 5.53 -15.28
C SER A 236 -14.95 5.59 -15.29
N ARG A 237 -16.06 6.21 -15.68
CA ARG A 237 -16.98 6.78 -14.69
C ARG A 237 -17.53 5.62 -13.86
N VAL A 238 -17.46 5.74 -12.54
CA VAL A 238 -18.01 4.71 -11.66
C VAL A 238 -19.12 5.26 -10.78
N SER A 239 -19.09 6.57 -10.53
CA SER A 239 -20.13 7.28 -9.78
C SER A 239 -20.85 8.27 -10.71
N MET A 240 -22.17 8.27 -10.58
CA MET A 240 -23.08 9.25 -11.20
C MET A 240 -23.09 10.62 -10.54
N LYS A 241 -22.55 10.71 -9.32
CA LYS A 241 -22.55 11.99 -8.62
C LYS A 241 -21.43 12.86 -9.18
N PRO A 242 -21.78 14.05 -9.70
CA PRO A 242 -20.79 14.98 -10.27
C PRO A 242 -19.86 15.67 -9.26
N GLU A 243 -20.16 15.58 -7.96
CA GLU A 243 -19.25 16.07 -6.92
C GLU A 243 -17.95 15.26 -6.85
N PHE A 244 -17.95 14.03 -7.37
CA PHE A 244 -16.76 13.16 -7.33
C PHE A 244 -15.86 13.26 -8.57
N LEU A 245 -14.55 13.30 -8.36
CA LEU A 245 -13.63 13.31 -9.49
C LEU A 245 -13.30 11.89 -9.93
N HIS A 246 -13.07 11.71 -11.22
CA HIS A 246 -12.56 10.44 -11.73
C HIS A 246 -11.21 10.73 -12.39
N LEU A 247 -10.16 10.10 -11.86
CA LEU A 247 -8.81 10.16 -12.41
C LEU A 247 -8.46 8.77 -12.99
N THR A 248 -7.86 8.77 -14.17
CA THR A 248 -7.62 7.53 -14.86
C THR A 248 -6.15 7.41 -15.28
N PRO A 249 -5.43 6.43 -14.71
CA PRO A 249 -4.06 6.13 -15.10
C PRO A 249 -4.08 5.05 -16.18
N GLY A 250 -2.92 4.64 -16.68
CA GLY A 250 -2.89 3.70 -17.80
C GLY A 250 -3.26 4.42 -19.09
N VAL A 251 -2.69 5.61 -19.29
CA VAL A 251 -3.02 6.46 -20.44
C VAL A 251 -1.78 6.75 -21.28
N GLN A 252 -1.89 6.51 -22.58
CA GLN A 252 -0.91 6.92 -23.58
C GLN A 252 -1.59 7.19 -24.92
N LEU A 253 -0.96 8.04 -25.72
CA LEU A 253 -1.49 8.43 -27.02
C LEU A 253 -1.50 7.24 -27.97
N GLU A 254 -0.49 6.38 -27.88
CA GLU A 254 -0.43 5.12 -28.64
C GLU A 254 -0.93 3.93 -27.81
N ALA A 255 -1.53 2.94 -28.48
CA ALA A 255 -1.85 1.64 -27.86
C ALA A 255 -0.62 0.84 -27.41
N GLY A 256 -0.82 -0.05 -26.44
CA GLY A 256 0.27 -0.88 -25.92
C GLY A 256 0.17 -1.20 -24.44
N GLY A 257 1.32 -1.54 -23.84
CA GLY A 257 1.43 -1.87 -22.42
C GLY A 257 2.90 -1.95 -22.01
N ASP A 258 3.17 -2.42 -20.80
CA ASP A 258 4.54 -2.78 -20.43
C ASP A 258 4.65 -4.29 -20.13
N ASN A 259 5.81 -4.79 -19.75
CA ASN A 259 5.94 -6.23 -19.46
C ASN A 259 5.68 -6.64 -18.00
N LEU A 260 5.15 -5.69 -17.21
CA LEU A 260 4.78 -5.95 -15.81
C LEU A 260 3.29 -5.68 -15.54
N GLY A 261 2.47 -5.86 -16.59
CA GLY A 261 1.02 -5.91 -16.45
C GLY A 261 0.21 -4.65 -16.74
N GLN A 262 0.89 -3.52 -16.94
CA GLN A 262 0.26 -2.24 -17.32
C GLN A 262 -0.26 -2.26 -18.75
N GLN A 263 -1.43 -1.65 -18.98
CA GLN A 263 -2.09 -1.64 -20.28
C GLN A 263 -2.55 -0.20 -20.51
N TYR A 264 -2.57 0.23 -21.78
CA TYR A 264 -2.79 1.65 -22.07
C TYR A 264 -4.02 1.92 -22.92
N ASN A 265 -4.65 3.06 -22.66
CA ASN A 265 -5.76 3.56 -23.48
C ASN A 265 -5.54 5.04 -23.73
N SER A 266 -6.13 5.57 -24.81
CA SER A 266 -5.89 6.96 -25.16
C SER A 266 -6.73 7.94 -24.31
N PRO A 267 -6.31 9.20 -24.23
CA PRO A 267 -7.08 10.29 -23.62
C PRO A 267 -8.46 10.38 -24.21
N GLN A 268 -8.55 10.30 -25.54
CA GLN A 268 -9.86 10.34 -26.19
C GLN A 268 -10.80 9.23 -25.72
N GLU A 269 -10.30 8.01 -25.57
CA GLU A 269 -11.10 6.88 -25.08
C GLU A 269 -11.50 7.05 -23.62
N VAL A 270 -10.52 7.48 -22.81
CA VAL A 270 -10.66 7.58 -21.36
C VAL A 270 -11.54 8.75 -20.94
N ILE A 271 -11.31 9.93 -21.52
CA ILE A 271 -12.09 11.12 -21.19
C ILE A 271 -13.38 11.13 -22.02
N GLY A 272 -13.24 11.04 -23.34
CA GLY A 272 -14.36 11.12 -24.28
C GLY A 272 -15.40 10.01 -24.21
N LYS A 273 -14.96 8.76 -24.22
CA LYS A 273 -15.84 7.59 -24.24
C LYS A 273 -16.20 7.00 -22.87
N ARG A 274 -15.21 6.89 -21.99
CA ARG A 274 -15.36 6.27 -20.67
C ARG A 274 -15.78 7.24 -19.59
N GLY A 275 -15.76 8.54 -19.91
CA GLY A 275 -16.31 9.57 -19.06
C GLY A 275 -15.50 9.96 -17.81
N SER A 276 -14.19 9.70 -17.80
CA SER A 276 -13.35 10.15 -16.69
C SER A 276 -13.00 11.64 -16.80
N ASP A 277 -12.60 12.25 -15.70
CA ASP A 277 -12.27 13.67 -15.68
C ASP A 277 -10.83 14.01 -16.02
N ILE A 278 -9.89 13.20 -15.53
CA ILE A 278 -8.49 13.57 -15.52
C ILE A 278 -7.67 12.36 -15.95
N ILE A 279 -6.72 12.59 -16.85
CA ILE A 279 -5.77 11.53 -17.19
C ILE A 279 -4.50 11.69 -16.35
N ILE A 280 -4.01 10.54 -15.89
CA ILE A 280 -2.76 10.42 -15.19
C ILE A 280 -1.77 9.79 -16.17
N VAL A 281 -0.74 10.55 -16.48
CA VAL A 281 0.26 10.16 -17.48
C VAL A 281 1.69 10.22 -16.92
N GLY A 282 2.35 9.07 -16.97
CA GLY A 282 3.74 8.90 -16.51
C GLY A 282 4.68 8.79 -17.70
N ARG A 283 5.00 7.57 -18.11
CA ARG A 283 6.01 7.35 -19.15
C ARG A 283 5.70 8.01 -20.50
N GLY A 284 4.42 8.07 -20.89
CA GLY A 284 4.02 8.85 -22.09
C GLY A 284 4.60 10.26 -22.15
N ILE A 285 4.79 10.90 -21.00
CA ILE A 285 5.47 12.18 -20.91
C ILE A 285 6.93 12.03 -20.48
N ILE A 286 7.20 11.37 -19.36
CA ILE A 286 8.53 11.30 -18.76
C ILE A 286 9.62 10.78 -19.72
N SER A 287 9.27 9.81 -20.56
CA SER A 287 10.26 9.14 -21.42
C SER A 287 10.57 9.88 -22.72
N ALA A 288 9.75 10.88 -23.03
CA ALA A 288 9.89 11.74 -24.21
C ALA A 288 11.12 12.64 -24.05
N ALA A 289 11.72 13.03 -25.17
CA ALA A 289 12.85 13.97 -25.13
C ALA A 289 12.37 15.32 -24.60
N ASP A 290 11.31 15.86 -25.21
CA ASP A 290 10.76 17.15 -24.78
C ASP A 290 9.46 16.88 -24.00
N ARG A 291 9.60 16.92 -22.68
CA ARG A 291 8.52 16.56 -21.76
C ARG A 291 7.49 17.68 -21.73
N LEU A 292 7.90 18.89 -22.10
CA LEU A 292 6.97 20.01 -22.12
C LEU A 292 6.02 19.88 -23.31
N GLU A 293 6.56 19.63 -24.50
N GLU A 293 6.59 19.65 -24.50
CA GLU A 293 5.73 19.38 -25.67
CA GLU A 293 5.80 19.33 -25.70
C GLU A 293 4.88 18.11 -25.53
C GLU A 293 4.88 18.15 -25.44
N ALA A 294 5.43 17.08 -24.87
CA ALA A 294 4.65 15.87 -24.59
C ALA A 294 3.46 16.21 -23.69
N ALA A 295 3.69 17.00 -22.65
CA ALA A 295 2.63 17.34 -21.70
C ALA A 295 1.56 18.15 -22.42
N GLU A 296 1.99 19.08 -23.26
CA GLU A 296 1.04 19.87 -24.05
C GLU A 296 0.17 18.99 -24.95
N MET A 297 0.75 17.97 -25.57
N MET A 297 0.76 17.96 -25.55
CA MET A 297 -0.01 17.04 -26.41
CA MET A 297 0.03 17.04 -26.41
C MET A 297 -1.09 16.32 -25.61
C MET A 297 -1.07 16.31 -25.62
N TYR A 298 -0.70 15.84 -24.42
CA TYR A 298 -1.65 15.16 -23.54
C TYR A 298 -2.72 16.11 -23.02
N ARG A 299 -2.33 17.33 -22.69
CA ARG A 299 -3.28 18.32 -22.17
C ARG A 299 -4.31 18.64 -23.24
N LYS A 300 -3.83 18.88 -24.45
CA LYS A 300 -4.75 19.24 -25.52
C LYS A 300 -5.66 18.08 -25.86
N ALA A 301 -5.14 16.85 -25.84
CA ALA A 301 -5.95 15.68 -26.10
C ALA A 301 -7.04 15.52 -25.05
N ALA A 302 -6.65 15.57 -23.78
CA ALA A 302 -7.61 15.37 -22.67
C ALA A 302 -8.65 16.51 -22.61
N TRP A 303 -8.18 17.75 -22.79
CA TRP A 303 -9.05 18.92 -22.76
C TRP A 303 -10.08 18.92 -23.89
N GLU A 304 -9.62 18.69 -25.12
CA GLU A 304 -10.56 18.63 -26.23
C GLU A 304 -11.57 17.49 -26.10
N ALA A 305 -11.13 16.34 -25.56
CA ALA A 305 -12.03 15.21 -25.34
C ALA A 305 -13.11 15.58 -24.33
N TYR A 306 -12.72 16.33 -23.30
CA TYR A 306 -13.65 16.84 -22.30
C TYR A 306 -14.68 17.80 -22.92
N LEU A 307 -14.19 18.80 -23.67
CA LEU A 307 -15.05 19.73 -24.41
C LEU A 307 -16.07 19.06 -25.32
N SER A 308 -15.66 18.02 -26.05
N SER A 308 -15.63 18.04 -26.06
CA SER A 308 -16.55 17.29 -26.94
CA SER A 308 -16.50 17.23 -26.93
C SER A 308 -17.58 16.42 -26.22
C SER A 308 -17.65 16.63 -26.12
N ARG A 309 -17.29 16.07 -24.96
CA ARG A 309 -18.23 15.31 -24.13
C ARG A 309 -19.37 16.18 -23.61
N LEU A 310 -19.05 17.43 -23.31
CA LEU A 310 -20.00 18.45 -22.86
C LEU A 310 -21.00 18.85 -23.94
N GLY A 311 -20.51 18.90 -25.18
CA GLY A 311 -21.33 19.22 -26.35
C GLY A 311 -21.81 20.66 -26.34
N LYS B 55 -2.13 -35.57 6.41
CA LYS B 55 -1.67 -35.49 7.82
C LYS B 55 -0.62 -34.40 8.02
N GLU B 56 -0.72 -33.69 9.14
CA GLU B 56 0.12 -32.55 9.52
C GLU B 56 1.58 -32.87 9.85
N LEU B 57 2.48 -32.21 9.14
CA LEU B 57 3.91 -32.27 9.45
C LEU B 57 4.25 -31.15 10.41
N SER B 58 5.28 -31.40 11.22
CA SER B 58 5.87 -30.39 12.09
C SER B 58 6.52 -29.28 11.25
N PHE B 59 6.73 -28.13 11.88
CA PHE B 59 7.53 -27.06 11.29
C PHE B 59 8.89 -27.59 10.78
N GLY B 60 9.54 -28.41 11.60
CA GLY B 60 10.85 -29.01 11.26
C GLY B 60 10.78 -29.80 9.95
N ALA B 61 9.76 -30.64 9.81
CA ALA B 61 9.59 -31.44 8.60
C ALA B 61 9.17 -30.61 7.38
N ARG B 62 8.27 -29.67 7.60
CA ARG B 62 7.89 -28.74 6.53
C ARG B 62 9.10 -27.98 5.98
N ALA B 63 10.08 -27.68 6.84
CA ALA B 63 11.32 -27.01 6.45
C ALA B 63 12.13 -27.84 5.44
N GLU B 64 11.90 -29.15 5.41
CA GLU B 64 12.62 -30.04 4.50
C GLU B 64 11.85 -30.45 3.25
N LEU B 65 10.64 -29.92 3.06
CA LEU B 65 9.81 -30.24 1.90
C LEU B 65 10.52 -29.95 0.58
N PRO B 66 10.39 -30.84 -0.43
CA PRO B 66 11.06 -30.64 -1.72
C PRO B 66 10.86 -29.25 -2.34
N ARG B 67 9.63 -28.73 -2.30
N ARG B 67 9.62 -28.76 -2.29
CA ARG B 67 9.33 -27.45 -2.95
CA ARG B 67 9.29 -27.49 -2.91
C ARG B 67 9.52 -26.20 -2.08
C ARG B 67 9.21 -26.31 -1.93
N ILE B 68 9.98 -26.39 -0.86
CA ILE B 68 10.09 -25.32 0.14
C ILE B 68 11.02 -24.18 -0.33
N HIS B 69 10.58 -22.96 -0.12
CA HIS B 69 11.41 -21.80 -0.37
C HIS B 69 12.48 -21.69 0.73
N PRO B 70 13.74 -21.32 0.37
CA PRO B 70 14.81 -21.19 1.36
C PRO B 70 14.48 -20.28 2.54
N VAL B 71 13.81 -19.15 2.28
CA VAL B 71 13.39 -18.26 3.35
C VAL B 71 12.38 -18.93 4.29
N ALA B 72 11.43 -19.64 3.71
CA ALA B 72 10.42 -20.39 4.48
C ALA B 72 11.13 -21.47 5.31
N SER B 73 12.09 -22.14 4.68
CA SER B 73 12.85 -23.17 5.37
C SER B 73 13.61 -22.63 6.58
N LYS B 74 14.33 -21.52 6.41
CA LYS B 74 15.06 -20.88 7.48
C LYS B 74 14.07 -20.60 8.62
N LEU B 75 12.97 -19.94 8.27
CA LEU B 75 11.94 -19.58 9.25
C LEU B 75 11.42 -20.78 10.04
N LEU B 76 11.03 -21.81 9.31
CA LEU B 76 10.44 -23.01 9.90
C LEU B 76 11.42 -23.73 10.84
N ARG B 77 12.69 -23.78 10.45
CA ARG B 77 13.72 -24.33 11.34
C ARG B 77 13.86 -23.57 12.64
N LEU B 78 14.02 -22.22 12.61
CA LEU B 78 14.17 -21.45 13.84
C LEU B 78 12.95 -21.47 14.75
N MET B 79 11.77 -21.63 14.14
CA MET B 79 10.52 -21.78 14.88
C MET B 79 10.58 -23.08 15.68
N GLN B 80 10.99 -24.15 15.00
CA GLN B 80 11.04 -25.45 15.65
C GLN B 80 12.12 -25.44 16.73
N LYS B 81 13.28 -24.85 16.41
CA LYS B 81 14.39 -24.79 17.36
C LYS B 81 14.08 -23.97 18.62
N LYS B 82 13.35 -22.87 18.44
CA LYS B 82 13.10 -21.91 19.52
C LYS B 82 11.75 -22.08 20.22
N GLU B 83 10.94 -22.97 19.66
CA GLU B 83 9.54 -23.22 20.07
C GLU B 83 8.76 -21.91 20.11
N THR B 84 8.85 -21.18 19.01
CA THR B 84 8.08 -19.97 18.87
C THR B 84 7.51 -19.86 17.47
N ASN B 85 6.21 -19.59 17.43
CA ASN B 85 5.50 -19.23 16.21
C ASN B 85 4.85 -17.85 16.39
N LEU B 86 5.53 -16.99 17.14
CA LEU B 86 5.07 -15.62 17.38
C LEU B 86 5.88 -14.63 16.53
N CYS B 87 5.17 -13.76 15.81
CA CYS B 87 5.74 -12.63 15.11
C CYS B 87 5.34 -11.35 15.86
N LEU B 88 6.33 -10.63 16.33
CA LEU B 88 6.08 -9.36 16.99
C LEU B 88 5.88 -8.26 15.96
N SER B 89 4.78 -7.54 16.12
CA SER B 89 4.49 -6.36 15.33
C SER B 89 4.99 -5.16 16.13
N ALA B 90 6.18 -4.70 15.74
CA ALA B 90 6.92 -3.67 16.47
C ALA B 90 6.44 -2.27 16.05
N ASP B 91 5.21 -1.94 16.42
CA ASP B 91 4.59 -0.71 15.90
C ASP B 91 4.94 0.45 16.83
N VAL B 92 6.13 1.01 16.61
CA VAL B 92 6.66 2.07 17.43
C VAL B 92 7.21 3.12 16.47
N SER B 93 7.32 4.35 16.94
CA SER B 93 7.71 5.43 16.07
C SER B 93 9.16 5.87 16.29
N LEU B 94 9.87 5.20 17.19
CA LEU B 94 11.27 5.54 17.46
C LEU B 94 12.24 4.38 17.28
N ALA B 95 13.35 4.62 16.59
CA ALA B 95 14.38 3.60 16.36
C ALA B 95 14.85 2.94 17.65
N ARG B 96 15.10 3.77 18.66
CA ARG B 96 15.51 3.34 20.00
C ARG B 96 14.58 2.27 20.57
N GLU B 97 13.26 2.51 20.52
CA GLU B 97 12.32 1.57 21.11
C GLU B 97 12.21 0.30 20.26
N LEU B 98 12.24 0.46 18.94
CA LEU B 98 12.23 -0.68 18.02
C LEU B 98 13.34 -1.67 18.40
N LEU B 99 14.55 -1.14 18.52
CA LEU B 99 15.74 -1.93 18.83
C LEU B 99 15.73 -2.53 20.25
N GLN B 100 15.28 -1.77 21.24
CA GLN B 100 15.12 -2.29 22.59
C GLN B 100 14.15 -3.49 22.63
N LEU B 101 13.05 -3.39 21.89
CA LEU B 101 12.07 -4.47 21.84
C LEU B 101 12.64 -5.68 21.07
N ALA B 102 13.27 -5.42 19.93
CA ALA B 102 13.89 -6.48 19.14
C ALA B 102 14.89 -7.28 19.99
N ASP B 103 15.70 -6.58 20.79
CA ASP B 103 16.71 -7.20 21.66
C ASP B 103 16.05 -8.00 22.78
N ALA B 104 15.30 -7.31 23.65
CA ALA B 104 14.61 -8.01 24.74
C ALA B 104 13.70 -9.16 24.27
N LEU B 105 12.91 -8.98 23.20
CA LEU B 105 11.92 -10.00 22.82
C LEU B 105 12.38 -11.01 21.80
N GLY B 106 13.59 -10.81 21.25
CA GLY B 106 14.04 -11.60 20.10
C GLY B 106 14.07 -13.08 20.40
N PRO B 107 14.51 -13.47 21.61
CA PRO B 107 14.46 -14.88 21.99
C PRO B 107 13.06 -15.50 21.97
N SER B 108 12.02 -14.69 22.14
CA SER B 108 10.61 -15.16 22.21
C SER B 108 9.89 -15.25 20.86
N ILE B 109 10.52 -14.70 19.83
CA ILE B 109 9.88 -14.51 18.51
C ILE B 109 10.60 -15.22 17.37
N CYS B 110 9.82 -15.66 16.39
CA CYS B 110 10.34 -16.17 15.10
C CYS B 110 10.54 -15.07 14.04
N MET B 111 9.90 -13.91 14.24
CA MET B 111 9.88 -12.88 13.22
C MET B 111 9.60 -11.52 13.86
N LEU B 112 10.22 -10.46 13.33
CA LEU B 112 9.91 -9.11 13.78
C LEU B 112 9.31 -8.38 12.58
N LYS B 113 8.06 -7.96 12.72
CA LYS B 113 7.39 -7.23 11.65
C LYS B 113 7.53 -5.73 11.89
N THR B 114 7.92 -5.01 10.84
CA THR B 114 8.20 -3.55 10.92
C THR B 114 7.20 -2.77 10.05
N HIS B 115 6.96 -1.50 10.36
CA HIS B 115 6.41 -0.51 9.41
C HIS B 115 7.48 0.60 9.43
N VAL B 116 8.50 0.50 8.59
N VAL B 116 8.44 0.47 8.52
CA VAL B 116 9.56 1.53 8.69
CA VAL B 116 9.56 1.38 8.39
C VAL B 116 9.07 2.94 8.34
C VAL B 116 9.15 2.85 8.17
N ASP B 117 7.98 3.01 7.58
CA ASP B 117 7.40 4.30 7.22
C ASP B 117 6.70 5.06 8.36
N ILE B 118 6.73 4.48 9.56
N ILE B 118 6.69 4.48 9.56
CA ILE B 118 6.21 5.11 10.77
CA ILE B 118 6.24 5.24 10.72
C ILE B 118 7.35 5.45 11.75
C ILE B 118 7.38 5.62 11.67
N LEU B 119 8.58 5.13 11.39
CA LEU B 119 9.76 5.44 12.20
C LEU B 119 10.13 6.89 11.97
N ASN B 120 9.87 7.72 12.97
CA ASN B 120 10.21 9.14 12.89
C ASN B 120 11.70 9.41 12.63
N ASP B 121 12.55 8.50 13.09
CA ASP B 121 14.00 8.65 12.92
C ASP B 121 14.65 7.50 12.16
N PHE B 122 13.97 7.01 11.12
CA PHE B 122 14.54 5.98 10.23
C PHE B 122 15.89 6.40 9.68
N THR B 123 16.86 5.50 9.73
CA THR B 123 18.05 5.57 8.87
C THR B 123 18.36 4.13 8.48
N LEU B 124 19.16 3.95 7.43
CA LEU B 124 19.61 2.60 7.09
C LEU B 124 20.44 1.98 8.23
N ASP B 125 21.12 2.82 9.00
N ASP B 125 21.12 2.85 8.96
CA ASP B 125 21.88 2.31 10.15
CA ASP B 125 21.89 2.50 10.16
C ASP B 125 21.04 1.71 11.25
C ASP B 125 21.05 1.73 11.19
N VAL B 126 19.81 2.19 11.41
CA VAL B 126 18.88 1.54 12.36
C VAL B 126 18.58 0.10 11.91
N MET B 127 18.40 -0.08 10.59
CA MET B 127 18.15 -1.40 10.03
C MET B 127 19.38 -2.32 10.16
N LYS B 128 20.58 -1.76 10.03
N LYS B 128 20.59 -1.77 10.05
CA LYS B 128 21.83 -2.49 10.24
CA LYS B 128 21.82 -2.56 10.25
C LYS B 128 21.86 -3.10 11.66
C LYS B 128 21.90 -3.10 11.67
N GLU B 129 21.57 -2.24 12.64
CA GLU B 129 21.44 -2.64 14.04
C GLU B 129 20.35 -3.70 14.23
N LEU B 130 19.22 -3.53 13.54
CA LEU B 130 18.12 -4.51 13.56
C LEU B 130 18.53 -5.90 13.03
N ILE B 131 19.26 -5.92 11.91
CA ILE B 131 19.76 -7.16 11.33
C ILE B 131 20.73 -7.87 12.28
N THR B 132 21.54 -7.11 13.02
CA THR B 132 22.45 -7.69 14.04
C THR B 132 21.64 -8.41 15.12
N LEU B 133 20.55 -7.81 15.56
CA LEU B 133 19.69 -8.43 16.56
C LEU B 133 18.99 -9.67 16.01
N ALA B 134 18.51 -9.57 14.77
CA ALA B 134 17.88 -10.67 14.02
C ALA B 134 18.79 -11.88 13.94
N LYS B 135 20.06 -11.63 13.61
CA LYS B 135 21.10 -12.67 13.57
C LYS B 135 21.44 -13.24 14.95
N CYS B 136 21.62 -12.37 15.92
CA CYS B 136 21.97 -12.76 17.29
C CYS B 136 20.87 -13.63 17.90
N HIS B 137 19.64 -13.12 17.85
CA HIS B 137 18.51 -13.79 18.45
C HIS B 137 17.80 -14.81 17.56
N GLU B 138 18.15 -14.82 16.27
CA GLU B 138 17.54 -15.71 15.28
C GLU B 138 16.04 -15.48 15.04
N PHE B 139 15.72 -14.42 14.32
CA PHE B 139 14.37 -14.18 13.81
C PHE B 139 14.47 -13.52 12.44
N LEU B 140 13.42 -13.67 11.63
CA LEU B 140 13.31 -13.03 10.32
C LEU B 140 12.71 -11.63 10.48
N ILE B 141 13.05 -10.74 9.54
CA ILE B 141 12.54 -9.38 9.56
C ILE B 141 11.54 -9.31 8.41
N PHE B 142 10.35 -8.86 8.74
CA PHE B 142 9.25 -8.81 7.78
C PHE B 142 8.82 -7.35 7.72
N GLU B 143 9.09 -6.66 6.60
CA GLU B 143 8.56 -5.31 6.37
C GLU B 143 7.13 -5.37 5.84
N ASP B 144 6.20 -4.90 6.67
CA ASP B 144 4.77 -4.90 6.36
C ASP B 144 4.40 -3.71 5.47
N ARG B 145 4.98 -3.71 4.28
CA ARG B 145 4.81 -2.58 3.37
C ARG B 145 3.47 -2.63 2.60
N LYS B 146 2.90 -3.82 2.42
CA LYS B 146 1.63 -4.03 1.67
C LYS B 146 1.72 -3.42 0.26
N PHE B 147 2.74 -3.84 -0.48
CA PHE B 147 2.86 -3.42 -1.88
C PHE B 147 1.56 -3.64 -2.64
N ALA B 148 1.15 -2.64 -3.41
CA ALA B 148 -0.20 -2.59 -3.94
C ALA B 148 -0.33 -1.77 -5.22
N ASP B 149 0.81 -1.56 -5.89
CA ASP B 149 0.83 -0.77 -7.13
C ASP B 149 1.08 -1.73 -8.30
N ILE B 150 1.22 -1.17 -9.50
CA ILE B 150 1.61 -1.96 -10.68
C ILE B 150 3.08 -2.41 -10.57
N GLY B 151 3.42 -3.49 -11.27
CA GLY B 151 4.73 -4.11 -11.13
C GLY B 151 5.87 -3.14 -11.36
N ASN B 152 5.75 -2.31 -12.39
CA ASN B 152 6.81 -1.32 -12.67
C ASN B 152 7.10 -0.39 -11.49
N THR B 153 6.04 0.02 -10.80
CA THR B 153 6.18 0.87 -9.63
C THR B 153 6.69 0.15 -8.39
N VAL B 154 6.12 -0.99 -8.07
CA VAL B 154 6.47 -1.66 -6.80
C VAL B 154 7.93 -2.11 -6.82
N LYS B 155 8.46 -2.42 -8.01
CA LYS B 155 9.87 -2.77 -8.15
C LYS B 155 10.78 -1.65 -7.59
N LYS B 156 10.44 -0.40 -7.90
CA LYS B 156 11.20 0.75 -7.44
C LYS B 156 11.01 1.03 -5.93
N GLN B 157 9.78 0.89 -5.46
CA GLN B 157 9.44 1.05 -4.05
C GLN B 157 10.07 0.00 -3.14
N TYR B 158 10.33 -1.18 -3.70
CA TYR B 158 10.94 -2.30 -2.98
C TYR B 158 12.48 -2.14 -2.95
N GLU B 159 13.12 -1.82 -4.07
CA GLU B 159 14.58 -1.68 -4.12
C GLU B 159 15.13 -0.31 -3.68
N GLY B 160 14.41 0.75 -4.04
CA GLY B 160 15.01 2.09 -4.01
C GLY B 160 14.44 3.00 -2.95
N GLY B 161 14.43 4.30 -3.25
CA GLY B 161 14.03 5.31 -2.28
C GLY B 161 14.92 5.43 -1.05
N ILE B 162 14.39 6.03 0.00
CA ILE B 162 15.15 6.18 1.24
C ILE B 162 15.27 4.84 1.99
N PHE B 163 14.23 4.02 1.88
CA PHE B 163 14.10 2.84 2.74
C PHE B 163 14.93 1.63 2.30
N LYS B 164 15.11 1.50 0.99
CA LYS B 164 15.80 0.34 0.39
C LYS B 164 15.36 -0.97 1.05
N ILE B 165 14.04 -1.23 1.04
CA ILE B 165 13.42 -2.29 1.83
C ILE B 165 14.06 -3.64 1.52
N ALA B 166 14.24 -3.94 0.24
CA ALA B 166 14.87 -5.18 -0.21
C ALA B 166 16.26 -5.48 0.39
N SER B 167 16.96 -4.43 0.84
N SER B 167 16.97 -4.45 0.82
CA SER B 167 18.32 -4.54 1.38
CA SER B 167 18.32 -4.61 1.35
C SER B 167 18.40 -5.05 2.81
C SER B 167 18.36 -5.21 2.76
N TRP B 168 17.27 -5.05 3.52
CA TRP B 168 17.24 -5.54 4.90
C TRP B 168 16.07 -6.45 5.30
N ALA B 169 14.99 -6.44 4.52
CA ALA B 169 13.78 -7.24 4.80
C ALA B 169 13.88 -8.64 4.18
N ASP B 170 13.86 -9.67 5.02
CA ASP B 170 13.76 -11.07 4.57
C ASP B 170 12.43 -11.30 3.84
N LEU B 171 11.36 -10.69 4.37
CA LEU B 171 10.02 -10.88 3.86
C LEU B 171 9.37 -9.52 3.73
N VAL B 172 8.56 -9.41 2.68
CA VAL B 172 7.61 -8.30 2.54
C VAL B 172 6.24 -8.91 2.16
N ASN B 173 5.21 -8.09 2.15
CA ASN B 173 3.92 -8.58 1.68
C ASN B 173 3.32 -7.70 0.59
N ALA B 174 2.33 -8.23 -0.09
CA ALA B 174 1.70 -7.50 -1.20
C ALA B 174 0.21 -7.78 -1.18
N HIS B 175 -0.58 -6.79 -1.57
CA HIS B 175 -1.98 -7.03 -1.86
C HIS B 175 -2.08 -7.59 -3.27
N VAL B 176 -3.10 -8.42 -3.53
CA VAL B 176 -3.20 -9.04 -4.85
C VAL B 176 -4.11 -8.32 -5.84
N VAL B 177 -4.79 -7.28 -5.35
CA VAL B 177 -5.76 -6.54 -6.15
C VAL B 177 -5.20 -6.03 -7.49
N PRO B 178 -3.88 -5.70 -7.60
CA PRO B 178 -3.47 -5.25 -8.95
C PRO B 178 -3.34 -6.38 -10.00
N GLY B 179 -3.47 -7.63 -9.57
CA GLY B 179 -3.19 -8.78 -10.43
C GLY B 179 -1.73 -9.15 -10.26
N SER B 180 -1.31 -10.21 -10.97
CA SER B 180 0.00 -10.80 -10.73
C SER B 180 1.22 -9.95 -11.08
N GLY B 181 1.04 -8.88 -11.86
CA GLY B 181 2.11 -7.92 -12.11
C GLY B 181 2.75 -7.40 -10.83
N VAL B 182 1.98 -7.35 -9.73
CA VAL B 182 2.52 -6.92 -8.44
C VAL B 182 3.63 -7.89 -7.96
N VAL B 183 3.38 -9.20 -8.09
CA VAL B 183 4.36 -10.23 -7.72
C VAL B 183 5.54 -10.20 -8.67
N LYS B 184 5.25 -10.20 -9.97
CA LYS B 184 6.29 -10.11 -11.01
C LYS B 184 7.25 -8.94 -10.80
N GLY B 185 6.73 -7.76 -10.48
CA GLY B 185 7.62 -6.64 -10.21
C GLY B 185 8.52 -6.82 -8.99
N LEU B 186 7.94 -7.24 -7.87
CA LEU B 186 8.70 -7.45 -6.65
C LEU B 186 9.77 -8.52 -6.89
N GLN B 187 9.40 -9.57 -7.62
CA GLN B 187 10.32 -10.70 -7.80
C GLN B 187 11.61 -10.38 -8.59
N GLU B 188 11.53 -9.43 -9.52
CA GLU B 188 12.71 -8.90 -10.22
C GLU B 188 13.80 -8.38 -9.28
N VAL B 189 13.38 -7.82 -8.13
CA VAL B 189 14.29 -7.34 -7.09
C VAL B 189 14.57 -8.41 -6.04
N GLY B 190 13.51 -9.12 -5.62
CA GLY B 190 13.61 -10.04 -4.48
C GLY B 190 14.28 -11.37 -4.79
N LEU B 191 14.07 -11.89 -5.99
CA LEU B 191 14.71 -13.16 -6.38
C LEU B 191 16.27 -13.02 -6.34
N PRO B 192 16.88 -12.04 -7.03
CA PRO B 192 18.34 -11.98 -6.88
C PRO B 192 18.81 -11.80 -5.44
N LEU B 193 18.00 -11.16 -4.59
CA LEU B 193 18.41 -10.94 -3.20
C LEU B 193 17.94 -12.04 -2.23
N HIS B 194 17.38 -13.11 -2.79
CA HIS B 194 17.03 -14.30 -2.02
C HIS B 194 15.96 -14.01 -0.97
N ARG B 195 15.01 -13.16 -1.34
CA ARG B 195 13.95 -12.72 -0.43
C ARG B 195 12.67 -13.51 -0.69
N GLY B 196 11.69 -13.36 0.21
CA GLY B 196 10.42 -14.02 0.07
C GLY B 196 9.31 -13.01 0.23
N CYS B 197 8.14 -13.38 -0.27
CA CYS B 197 6.93 -12.55 -0.24
C CYS B 197 5.69 -13.26 0.31
N LEU B 198 4.86 -12.53 1.07
CA LEU B 198 3.59 -13.05 1.57
C LEU B 198 2.43 -12.36 0.84
N LEU B 199 1.41 -13.10 0.43
CA LEU B 199 0.27 -12.49 -0.27
C LEU B 199 -0.88 -12.31 0.72
N ILE B 200 -1.46 -11.10 0.72
CA ILE B 200 -2.60 -10.81 1.59
C ILE B 200 -3.89 -11.44 1.03
N ALA B 201 -4.20 -12.62 1.56
CA ALA B 201 -5.36 -13.41 1.15
C ALA B 201 -6.66 -13.05 1.85
N GLU B 202 -6.56 -12.58 3.09
CA GLU B 202 -7.75 -12.17 3.87
C GLU B 202 -7.28 -11.03 4.75
N MET B 203 -8.21 -10.20 5.23
CA MET B 203 -7.86 -9.17 6.21
C MET B 203 -8.72 -9.29 7.46
N SER B 204 -8.18 -8.80 8.57
CA SER B 204 -8.78 -8.93 9.90
C SER B 204 -9.87 -7.88 10.16
N SER B 205 -9.89 -6.87 9.30
CA SER B 205 -10.65 -5.66 9.58
C SER B 205 -12.08 -5.78 9.11
N THR B 206 -12.94 -4.98 9.73
CA THR B 206 -14.36 -5.04 9.50
C THR B 206 -14.66 -4.49 8.11
N GLY B 207 -15.38 -5.25 7.28
CA GLY B 207 -15.71 -4.83 5.91
C GLY B 207 -14.62 -5.16 4.89
N SER B 208 -13.65 -5.96 5.31
CA SER B 208 -12.65 -6.50 4.40
C SER B 208 -13.30 -7.06 3.13
N LEU B 209 -12.78 -6.65 1.96
CA LEU B 209 -13.23 -7.17 0.69
C LEU B 209 -12.38 -8.38 0.24
N ALA B 210 -11.51 -8.89 1.12
CA ALA B 210 -10.61 -9.99 0.74
C ALA B 210 -11.22 -11.32 1.16
N THR B 211 -12.29 -11.67 0.45
CA THR B 211 -13.13 -12.81 0.79
C THR B 211 -13.45 -13.55 -0.50
N GLY B 212 -13.96 -14.77 -0.37
CA GLY B 212 -14.40 -15.54 -1.51
C GLY B 212 -13.41 -15.60 -2.67
N ASP B 213 -13.85 -15.11 -3.82
CA ASP B 213 -13.06 -15.21 -5.05
C ASP B 213 -11.76 -14.42 -5.03
N TYR B 214 -11.75 -13.31 -4.29
CA TYR B 214 -10.53 -12.52 -4.06
C TYR B 214 -9.51 -13.39 -3.34
N THR B 215 -9.95 -14.07 -2.29
CA THR B 215 -9.06 -14.98 -1.53
C THR B 215 -8.53 -16.12 -2.41
N ARG B 216 -9.42 -16.74 -3.20
CA ARG B 216 -9.02 -17.80 -4.15
C ARG B 216 -7.99 -17.29 -5.16
N ALA B 217 -8.16 -16.06 -5.62
CA ALA B 217 -7.19 -15.43 -6.52
C ALA B 217 -5.81 -15.27 -5.89
N ALA B 218 -5.80 -14.89 -4.62
CA ALA B 218 -4.56 -14.77 -3.86
C ALA B 218 -3.84 -16.12 -3.80
N VAL B 219 -4.57 -17.18 -3.45
CA VAL B 219 -3.97 -18.51 -3.38
C VAL B 219 -3.43 -18.96 -4.75
N ARG B 220 -4.20 -18.72 -5.80
CA ARG B 220 -3.78 -19.10 -7.16
C ARG B 220 -2.45 -18.41 -7.53
N MET B 221 -2.39 -17.11 -7.23
CA MET B 221 -1.23 -16.29 -7.50
C MET B 221 0.00 -16.79 -6.77
N ALA B 222 -0.16 -17.19 -5.51
CA ALA B 222 0.97 -17.68 -4.71
C ALA B 222 1.46 -19.01 -5.30
N GLU B 223 0.53 -19.90 -5.58
CA GLU B 223 0.87 -21.22 -6.08
C GLU B 223 1.60 -21.14 -7.42
N GLU B 224 1.27 -20.12 -8.22
CA GLU B 224 1.92 -19.91 -9.51
C GLU B 224 3.19 -19.06 -9.45
N HIS B 225 3.49 -18.51 -8.28
CA HIS B 225 4.75 -17.78 -8.11
C HIS B 225 5.54 -18.27 -6.90
N SER B 226 5.58 -19.59 -6.75
CA SER B 226 6.16 -20.24 -5.59
C SER B 226 7.68 -20.02 -5.46
N GLU B 227 8.33 -19.56 -6.53
CA GLU B 227 9.75 -19.23 -6.50
C GLU B 227 10.04 -18.03 -5.57
N PHE B 228 9.03 -17.20 -5.34
CA PHE B 228 9.21 -15.99 -4.55
C PHE B 228 8.18 -15.87 -3.42
N VAL B 229 6.97 -16.36 -3.66
CA VAL B 229 5.87 -16.31 -2.69
C VAL B 229 5.88 -17.50 -1.72
N VAL B 230 6.09 -17.23 -0.43
CA VAL B 230 6.27 -18.26 0.58
C VAL B 230 5.03 -18.50 1.46
N GLY B 231 3.99 -17.72 1.28
CA GLY B 231 2.81 -17.85 2.13
C GLY B 231 1.85 -16.68 2.07
N PHE B 232 1.03 -16.60 3.12
CA PHE B 232 -0.10 -15.68 3.14
C PHE B 232 -0.18 -14.94 4.46
N ILE B 233 -0.69 -13.72 4.36
CA ILE B 233 -1.39 -13.14 5.49
C ILE B 233 -2.86 -13.51 5.34
N SER B 234 -3.39 -14.21 6.34
CA SER B 234 -4.79 -14.64 6.27
C SER B 234 -5.30 -14.85 7.72
N GLY B 235 -6.61 -15.03 7.84
CA GLY B 235 -7.22 -15.29 9.14
C GLY B 235 -7.26 -16.77 9.48
N SER B 236 -7.05 -17.60 8.45
N SER B 236 -7.07 -17.60 8.45
CA SER B 236 -7.15 -19.05 8.56
CA SER B 236 -7.13 -19.05 8.59
C SER B 236 -6.24 -19.69 7.50
C SER B 236 -6.28 -19.70 7.49
N ARG B 237 -6.17 -21.02 7.53
CA ARG B 237 -5.56 -21.80 6.47
C ARG B 237 -6.33 -21.56 5.17
N VAL B 238 -5.61 -21.09 4.14
CA VAL B 238 -6.20 -20.80 2.85
C VAL B 238 -5.65 -21.72 1.76
N SER B 239 -4.46 -22.26 1.97
CA SER B 239 -3.89 -23.24 1.05
C SER B 239 -3.66 -24.55 1.79
N MET B 240 -3.89 -25.64 1.04
CA MET B 240 -3.67 -27.00 1.54
C MET B 240 -2.24 -27.50 1.29
N LYS B 241 -1.42 -26.68 0.63
CA LYS B 241 -0.01 -27.02 0.38
C LYS B 241 0.87 -26.62 1.57
N PRO B 242 1.52 -27.61 2.18
CA PRO B 242 2.20 -27.31 3.44
C PRO B 242 3.51 -26.53 3.27
N GLU B 243 3.96 -26.35 2.03
CA GLU B 243 5.11 -25.50 1.74
C GLU B 243 4.82 -24.03 2.02
N PHE B 244 3.54 -23.67 2.07
CA PHE B 244 3.13 -22.29 2.33
C PHE B 244 2.90 -21.98 3.80
N LEU B 245 3.36 -20.81 4.22
CA LEU B 245 3.11 -20.34 5.58
C LEU B 245 1.81 -19.54 5.64
N HIS B 246 1.15 -19.62 6.79
CA HIS B 246 0.02 -18.75 7.09
C HIS B 246 0.36 -17.93 8.33
N LEU B 247 0.30 -16.61 8.20
CA LEU B 247 0.52 -15.66 9.30
C LEU B 247 -0.79 -14.91 9.54
N THR B 248 -1.16 -14.76 10.80
CA THR B 248 -2.47 -14.20 11.11
C THR B 248 -2.34 -13.04 12.09
N PRO B 249 -2.64 -11.82 11.63
CA PRO B 249 -2.74 -10.66 12.51
C PRO B 249 -4.15 -10.58 13.11
N GLY B 250 -4.39 -9.60 13.98
CA GLY B 250 -5.74 -9.46 14.54
C GLY B 250 -5.83 -10.46 15.69
N VAL B 251 -4.79 -10.52 16.50
CA VAL B 251 -4.68 -11.52 17.56
C VAL B 251 -4.44 -10.85 18.93
N GLN B 252 -5.28 -11.22 19.89
CA GLN B 252 -5.08 -10.93 21.32
C GLN B 252 -5.70 -12.07 22.14
N LEU B 253 -5.22 -12.19 23.37
CA LEU B 253 -5.67 -13.21 24.32
C LEU B 253 -7.13 -12.97 24.70
N GLU B 254 -7.49 -11.69 24.83
CA GLU B 254 -8.84 -11.27 25.21
C GLU B 254 -9.66 -10.83 24.00
N ALA B 255 -10.97 -11.05 24.06
CA ALA B 255 -11.90 -10.61 22.99
C ALA B 255 -12.00 -9.08 22.83
N GLY B 256 -12.37 -8.65 21.62
CA GLY B 256 -12.61 -7.23 21.33
C GLY B 256 -11.98 -6.71 20.05
N GLY B 257 -11.66 -5.41 20.05
CA GLY B 257 -11.12 -4.72 18.87
C GLY B 257 -10.60 -3.32 19.15
N ASP B 258 -10.48 -2.52 18.08
CA ASP B 258 -10.21 -1.09 18.24
C ASP B 258 -11.28 -0.21 17.57
N ASN B 259 -11.12 1.10 17.71
CA ASN B 259 -12.08 2.07 17.19
C ASN B 259 -12.06 2.22 15.66
N LEU B 260 -11.08 1.60 15.01
CA LEU B 260 -10.85 1.80 13.57
C LEU B 260 -10.90 0.51 12.72
N GLY B 261 -11.79 -0.41 13.07
CA GLY B 261 -12.14 -1.55 12.20
C GLY B 261 -11.48 -2.89 12.51
N GLN B 262 -10.46 -2.86 13.37
CA GLN B 262 -9.71 -4.07 13.75
C GLN B 262 -10.51 -4.96 14.73
N GLN B 263 -10.56 -6.25 14.41
N GLN B 263 -10.58 -6.26 14.44
CA GLN B 263 -11.24 -7.27 15.20
CA GLN B 263 -11.25 -7.22 15.31
C GLN B 263 -10.22 -8.28 15.72
C GLN B 263 -10.27 -8.31 15.70
N TYR B 264 -10.44 -8.82 16.92
CA TYR B 264 -9.47 -9.78 17.49
C TYR B 264 -9.98 -11.20 17.69
N ASN B 265 -9.04 -12.14 17.52
CA ASN B 265 -9.27 -13.53 17.86
C ASN B 265 -8.07 -14.05 18.66
N SER B 266 -8.29 -15.14 19.39
CA SER B 266 -7.26 -15.65 20.29
C SER B 266 -6.27 -16.56 19.53
N PRO B 267 -5.05 -16.70 20.07
CA PRO B 267 -4.08 -17.65 19.50
C PRO B 267 -4.59 -19.08 19.35
N GLN B 268 -5.37 -19.57 20.32
CA GLN B 268 -5.94 -20.90 20.22
C GLN B 268 -6.94 -21.03 19.06
N GLU B 269 -7.77 -20.00 18.88
CA GLU B 269 -8.70 -19.95 17.74
C GLU B 269 -7.92 -19.98 16.41
N VAL B 270 -6.97 -19.06 16.26
CA VAL B 270 -6.32 -18.84 14.96
C VAL B 270 -5.42 -20.01 14.53
N ILE B 271 -4.59 -20.47 15.48
CA ILE B 271 -3.66 -21.57 15.26
C ILE B 271 -4.36 -22.93 15.40
N GLY B 272 -5.04 -23.12 16.53
CA GLY B 272 -5.68 -24.40 16.84
C GLY B 272 -6.91 -24.70 16.00
N LYS B 273 -7.86 -23.78 15.96
CA LYS B 273 -9.08 -24.05 15.21
C LYS B 273 -8.95 -23.66 13.74
N ARG B 274 -8.31 -22.52 13.45
CA ARG B 274 -8.34 -21.97 12.09
C ARG B 274 -7.20 -22.45 11.18
N GLY B 275 -6.26 -23.14 11.81
CA GLY B 275 -5.22 -23.84 11.07
C GLY B 275 -4.08 -22.96 10.59
N SER B 276 -3.92 -21.78 11.20
CA SER B 276 -2.81 -20.91 10.85
C SER B 276 -1.47 -21.32 11.48
N ASP B 277 -0.36 -20.85 10.92
CA ASP B 277 0.96 -21.13 11.49
C ASP B 277 1.55 -20.18 12.54
N ILE B 278 1.43 -18.87 12.31
CA ILE B 278 2.13 -17.87 13.10
C ILE B 278 1.09 -16.81 13.47
N ILE B 279 1.12 -16.34 14.72
CA ILE B 279 0.31 -15.20 15.10
C ILE B 279 1.15 -13.92 15.00
N ILE B 280 0.53 -12.87 14.47
CA ILE B 280 1.14 -11.54 14.47
C ILE B 280 0.43 -10.73 15.56
N VAL B 281 1.20 -10.25 16.51
CA VAL B 281 0.70 -9.53 17.69
C VAL B 281 1.42 -8.21 17.85
N GLY B 282 0.63 -7.14 17.91
CA GLY B 282 1.17 -5.80 18.17
C GLY B 282 0.83 -5.28 19.55
N ARG B 283 -0.24 -4.49 19.60
CA ARG B 283 -0.66 -3.88 20.86
C ARG B 283 -0.87 -4.86 22.03
N GLY B 284 -1.35 -6.07 21.77
CA GLY B 284 -1.46 -7.11 22.82
C GLY B 284 -0.17 -7.34 23.59
N ILE B 285 0.97 -7.06 22.95
CA ILE B 285 2.29 -7.06 23.58
C ILE B 285 2.76 -5.64 23.88
N ILE B 286 2.81 -4.74 22.89
CA ILE B 286 3.49 -3.45 23.04
C ILE B 286 2.85 -2.58 24.14
N SER B 287 1.53 -2.65 24.26
CA SER B 287 0.80 -1.86 25.25
C SER B 287 0.85 -2.43 26.67
N ALA B 288 1.29 -3.68 26.80
CA ALA B 288 1.36 -4.34 28.11
C ALA B 288 2.46 -3.72 28.96
N ALA B 289 2.30 -3.78 30.27
CA ALA B 289 3.36 -3.23 31.12
C ALA B 289 4.64 -4.03 30.95
N ASP B 290 4.53 -5.36 31.01
CA ASP B 290 5.73 -6.19 30.91
C ASP B 290 5.68 -6.85 29.54
N ARG B 291 6.41 -6.28 28.60
CA ARG B 291 6.38 -6.72 27.21
C ARG B 291 7.00 -8.12 27.07
N LEU B 292 7.95 -8.43 27.95
CA LEU B 292 8.61 -9.73 27.89
C LEU B 292 7.64 -10.85 28.33
N GLU B 293 6.97 -10.69 29.45
N GLU B 293 7.02 -10.70 29.49
CA GLU B 293 5.98 -11.69 29.90
CA GLU B 293 5.97 -11.61 29.94
C GLU B 293 4.75 -11.75 28.99
C GLU B 293 4.93 -11.76 28.83
N ALA B 294 4.42 -10.64 28.34
CA ALA B 294 3.38 -10.63 27.33
C ALA B 294 3.78 -11.49 26.12
N ALA B 295 5.00 -11.27 25.64
CA ALA B 295 5.52 -12.01 24.49
C ALA B 295 5.59 -13.50 24.81
N GLU B 296 6.05 -13.83 26.03
CA GLU B 296 6.11 -15.21 26.49
C GLU B 296 4.71 -15.85 26.54
N MET B 297 3.73 -15.09 27.02
N MET B 297 3.73 -15.09 27.00
CA MET B 297 2.34 -15.53 27.05
CA MET B 297 2.34 -15.54 27.03
C MET B 297 1.79 -15.87 25.65
C MET B 297 1.79 -15.87 25.65
N TYR B 298 2.04 -15.00 24.68
CA TYR B 298 1.60 -15.21 23.32
C TYR B 298 2.38 -16.37 22.70
N ARG B 299 3.67 -16.47 23.01
CA ARG B 299 4.47 -17.56 22.45
C ARG B 299 3.93 -18.91 22.93
N LYS B 300 3.76 -19.03 24.25
CA LYS B 300 3.27 -20.26 24.85
C LYS B 300 1.86 -20.64 24.36
N ALA B 301 1.01 -19.64 24.19
CA ALA B 301 -0.31 -19.82 23.62
C ALA B 301 -0.24 -20.39 22.20
N ALA B 302 0.50 -19.71 21.33
CA ALA B 302 0.54 -20.09 19.92
C ALA B 302 1.26 -21.44 19.75
N TRP B 303 2.30 -21.67 20.53
CA TRP B 303 3.08 -22.91 20.48
C TRP B 303 2.28 -24.12 20.95
N GLU B 304 1.63 -24.01 22.10
CA GLU B 304 0.78 -25.09 22.60
C GLU B 304 -0.38 -25.40 21.64
N ALA B 305 -0.96 -24.35 21.04
CA ALA B 305 -2.06 -24.52 20.08
C ALA B 305 -1.56 -25.32 18.87
N TYR B 306 -0.36 -24.99 18.42
CA TYR B 306 0.28 -25.71 17.31
C TYR B 306 0.56 -27.16 17.70
N LEU B 307 1.14 -27.39 18.87
CA LEU B 307 1.42 -28.75 19.31
C LEU B 307 0.18 -29.64 19.41
N SER B 308 -0.97 -29.08 19.79
N SER B 308 -0.95 -29.07 19.80
CA SER B 308 -2.20 -29.84 19.94
CA SER B 308 -2.22 -29.78 19.93
C SER B 308 -2.90 -30.10 18.60
C SER B 308 -2.78 -30.17 18.57
N ARG B 309 -2.65 -29.24 17.63
CA ARG B 309 -3.17 -29.44 16.27
C ARG B 309 -2.40 -30.58 15.60
N LEU B 310 -1.11 -30.62 15.91
CA LEU B 310 -0.16 -31.56 15.34
C LEU B 310 -0.48 -32.98 15.79
N GLY B 311 -0.93 -33.09 17.04
CA GLY B 311 -1.28 -34.37 17.63
C GLY B 311 -0.21 -34.86 18.59
S SO4 C . -18.87 3.13 8.01
O1 SO4 C . -18.69 4.45 8.63
O2 SO4 C . -20.30 2.83 7.88
O3 SO4 C . -18.27 3.12 6.69
O4 SO4 C . -18.25 2.12 8.86
P XMP D . 2.69 5.15 -16.58
O1P XMP D . 4.16 5.44 -16.66
O2P XMP D . 1.85 6.17 -17.26
O5' XMP D . 2.49 5.36 -14.99
O3P XMP D . 2.22 3.74 -16.84
C5' XMP D . 1.22 5.40 -14.39
C4' XMP D . 1.41 5.88 -12.96
O4' XMP D . 0.14 5.56 -12.42
C1' XMP D . 0.26 4.48 -11.45
N9 XMP D . -0.83 3.57 -11.83
C4 XMP D . -1.95 3.39 -11.13
N3 XMP D . -2.42 3.84 -9.96
N1 XMP D . -4.47 2.63 -10.10
C2 XMP D . -3.63 3.49 -9.46
O2 XMP D . -3.97 3.98 -8.36
C6 XMP D . -4.06 2.14 -11.29
O6 XMP D . -4.77 1.36 -11.92
C5 XMP D . -2.73 2.51 -11.85
N7 XMP D . -2.09 2.20 -12.98
C8 XMP D . -0.91 2.86 -12.98
C2' XMP D . 1.68 3.91 -11.50
O2' XMP D . 2.14 3.64 -10.16
C3' XMP D . 2.43 5.07 -12.16
O3' XMP D . 2.97 5.88 -11.13
C1 GOL E . -20.43 18.47 1.83
O1 GOL E . -21.65 17.83 2.15
C2 GOL E . -19.29 17.48 2.07
O2 GOL E . -19.71 16.19 1.68
C3 GOL E . -18.03 17.91 1.31
O3 GOL E . -17.26 18.76 2.15
S SO4 F . 1.11 -14.94 -14.54
O1 SO4 F . 0.88 -13.73 -15.33
O2 SO4 F . 0.50 -16.10 -15.20
O3 SO4 F . 2.56 -15.13 -14.42
O4 SO4 F . 0.54 -14.81 -13.21
P XMP G . -2.36 -4.99 16.55
O1P XMP G . -2.06 -6.38 17.04
O2P XMP G . -3.79 -4.83 16.09
O5' XMP G . -1.42 -4.90 15.24
O3P XMP G . -1.75 -3.89 17.35
C5' XMP G . -1.70 -5.60 14.03
C4' XMP G . -0.57 -5.31 13.03
O4' XMP G . -0.83 -6.09 11.86
C1' XMP G . -1.26 -5.20 10.79
N9 XMP G . -2.55 -5.82 10.42
C4 XMP G . -2.71 -6.49 9.29
N3 XMP G . -1.91 -6.73 8.25
N1 XMP G . -3.52 -7.98 7.10
C2 XMP G . -2.29 -7.46 7.17
O2 XMP G . -1.45 -7.65 6.26
C6 XMP G . -4.39 -7.77 8.10
O6 XMP G . -5.52 -8.27 8.03
C5 XMP G . -4.00 -6.98 9.29
N7 XMP G . -4.58 -6.61 10.44
C8 XMP G . -3.68 -5.89 11.15
C2' XMP G . -1.36 -3.77 11.32
O2' XMP G . -0.89 -2.81 10.35
C3' XMP G . -0.49 -3.85 12.57
O3' XMP G . 0.87 -3.51 12.28
#